data_6P5C
#
_entry.id   6P5C
#
_cell.length_a   88.217
_cell.length_b   93.521
_cell.length_c   105.279
_cell.angle_alpha   90.000
_cell.angle_beta   90.000
_cell.angle_gamma   90.000
#
_symmetry.space_group_name_H-M   'P 21 21 21'
#
loop_
_entity.id
_entity.type
_entity.pdbx_description
1 polymer "DNA (5'-D(*CP*GP*AP*TP*CP*AP*CP*GP*C)-3')"
2 polymer "DNA (5'-D(P*GP*CP*GP*TP*GP*AP*TP*CP*G)-3')"
3 polymer 'DNA polymerase I'
4 non-polymer 'SULFATE ION'
5 water water
#
loop_
_entity_poly.entity_id
_entity_poly.type
_entity_poly.pdbx_seq_one_letter_code
_entity_poly.pdbx_strand_id
1 'polydeoxyribonucleotide' (DC)(DG)(DA)(DT)(DC)(DA)(DC)(DG)(DC) B
2 'polydeoxyribonucleotide' (DG)(DC)(DG)(DT)(DG)(DA)(DT)(DC)(DG) C
3 'polypeptide(L)'
;MAKMAFTLADRVTEEMLADKAALVVEVVEENYHDAPIVGIAVVNEHGRFFLRPETALADPQFVAWLGDETKKKSMFDSKR
AAVALKWKGIELCGVSFDLLLAAYLLDPAQGVDDVAAAAKMKQYEAVRPDEAVYGKGAKRAVPDEPVLAEHLVRKAAAIW
ELERPFLDELRRNEQDRLLVELEQPLSSILAEMEFAGVKVDTKRLEQMGKELAEQLGTVEQRIYELAGQEFNINSPKQLG
VILFEKLQLPVLKKTKTGYSTSADVLEKLAPYHEIVENILHYRQLGKLQSTYIEGLLKVVRPDTKKVHTIFNQALTQTGR
LSSTEPNLQNIPIRLEEGRKIRQAFVPSESDWLIFAADYSQIELRVLAHIAEDDNLMEAFRRDLDIHTKTAMDIFQVSED
EVTPNMRRQAKAVNFGIVYGMSDYGLAQNLNISRKEAAEFIERYFESFPGVKRYMENIVQEAKQKGYVTTLLHRRRYLPD
ITSRNFNVRSFAERMAMNTPIQGSAADIIKKAMIDLNARLKEERLQAHLLLQVHDELILEAPKEEMERLCRLVPEVMEQA
VTLRVPLKVDYHYGSTWYDAK
;
A
#
# COMPACT_ATOMS: atom_id res chain seq x y z
N MET C 1 -17.65 23.89 -31.65
CA MET C 1 -18.35 22.59 -31.53
C MET C 1 -17.38 21.39 -31.60
N ALA C 2 -16.07 21.67 -31.71
CA ALA C 2 -14.93 20.81 -31.29
C ALA C 2 -14.38 21.32 -29.96
N LYS C 3 -14.37 22.65 -29.74
CA LYS C 3 -14.24 23.28 -28.39
C LYS C 3 -15.45 22.82 -27.56
N MET C 4 -15.29 22.71 -26.24
CA MET C 4 -16.42 22.40 -25.33
C MET C 4 -16.92 23.71 -24.70
N ALA C 5 -18.23 23.91 -24.75
CA ALA C 5 -18.92 25.12 -24.25
C ALA C 5 -19.07 25.06 -22.72
N PHE C 6 -18.88 26.20 -22.07
CA PHE C 6 -19.09 26.37 -20.62
C PHE C 6 -19.15 27.87 -20.31
N THR C 7 -19.75 28.16 -19.17
CA THR C 7 -19.72 29.49 -18.52
C THR C 7 -18.46 29.59 -17.67
N LEU C 8 -17.58 30.52 -18.02
CA LEU C 8 -16.46 30.96 -17.16
C LEU C 8 -17.03 31.96 -16.15
N ALA C 9 -17.47 31.47 -14.99
CA ALA C 9 -18.35 32.21 -14.05
C ALA C 9 -17.51 33.13 -13.15
N ASP C 10 -18.02 34.35 -12.93
CA ASP C 10 -17.42 35.39 -12.07
C ASP C 10 -17.85 35.15 -10.63
N ARG C 11 -19.13 34.82 -10.43
CA ARG C 11 -19.72 34.49 -9.12
C ARG C 11 -20.45 33.16 -9.23
N VAL C 12 -20.84 32.60 -8.08
CA VAL C 12 -21.57 31.32 -7.93
C VAL C 12 -23.07 31.58 -8.04
N THR C 13 -23.81 30.77 -8.80
CA THR C 13 -25.27 30.90 -8.95
C THR C 13 -25.93 29.61 -8.44
N GLU C 14 -27.22 29.68 -8.13
CA GLU C 14 -28.05 28.52 -7.67
C GLU C 14 -27.93 27.35 -8.67
N GLU C 15 -27.87 27.63 -9.97
CA GLU C 15 -27.78 26.61 -11.05
C GLU C 15 -26.58 25.66 -10.81
N MET C 16 -25.47 26.21 -10.33
CA MET C 16 -24.24 25.48 -9.99
C MET C 16 -24.43 24.63 -8.75
N LEU C 17 -25.52 24.80 -8.00
CA LEU C 17 -25.73 24.08 -6.72
C LEU C 17 -26.88 23.07 -6.80
N ALA C 18 -27.06 22.42 -7.95
CA ALA C 18 -28.00 21.29 -8.16
C ALA C 18 -27.57 20.11 -7.29
N ASP C 19 -28.47 19.17 -7.04
CA ASP C 19 -28.27 18.09 -6.05
C ASP C 19 -27.64 16.84 -6.71
N LYS C 20 -27.28 16.92 -7.99
CA LYS C 20 -26.33 15.95 -8.63
C LYS C 20 -25.41 16.71 -9.58
N ALA C 21 -24.11 16.42 -9.50
CA ALA C 21 -23.07 17.14 -10.26
C ALA C 21 -21.83 16.26 -10.42
N ALA C 22 -21.16 16.40 -11.54
CA ALA C 22 -19.75 16.08 -11.68
C ALA C 22 -19.00 17.31 -11.21
N LEU C 23 -18.10 17.11 -10.24
CA LEU C 23 -17.27 18.17 -9.64
C LEU C 23 -15.79 17.83 -9.80
N VAL C 24 -15.03 18.83 -10.22
CA VAL C 24 -13.54 18.83 -10.26
C VAL C 24 -13.08 19.97 -9.36
N VAL C 25 -12.28 19.59 -8.36
CA VAL C 25 -11.52 20.50 -7.49
C VAL C 25 -10.07 20.14 -7.71
N GLU C 26 -9.42 20.88 -8.60
CA GLU C 26 -8.14 20.47 -9.22
C GLU C 26 -6.98 20.88 -8.29
N VAL C 27 -6.19 19.91 -7.89
CA VAL C 27 -4.92 20.12 -7.15
C VAL C 27 -3.84 19.49 -8.03
N VAL C 28 -2.91 20.31 -8.50
CA VAL C 28 -1.96 19.91 -9.57
C VAL C 28 -0.70 19.39 -8.91
N GLU C 29 -0.29 19.92 -7.76
CA GLU C 29 0.87 19.40 -6.99
C GLU C 29 0.65 17.90 -6.70
N GLU C 30 1.63 17.03 -6.95
CA GLU C 30 1.43 15.56 -6.71
C GLU C 30 1.11 15.36 -5.24
N ASN C 31 1.77 16.11 -4.36
CA ASN C 31 1.56 16.06 -2.90
C ASN C 31 0.49 17.10 -2.54
N TYR C 32 -0.74 16.68 -2.30
CA TYR C 32 -1.88 17.61 -2.16
C TYR C 32 -2.02 18.22 -0.75
N HIS C 33 -1.17 17.84 0.21
CA HIS C 33 -1.23 18.30 1.61
C HIS C 33 -0.96 19.82 1.64
N ASP C 34 -1.98 20.61 1.99
CA ASP C 34 -1.87 22.10 2.15
C ASP C 34 -1.48 22.72 0.81
N ALA C 35 -1.91 22.11 -0.29
CA ALA C 35 -1.56 22.50 -1.67
C ALA C 35 -2.68 23.35 -2.22
N PRO C 36 -2.39 24.18 -3.23
CA PRO C 36 -3.36 25.06 -3.83
C PRO C 36 -4.40 24.27 -4.64
N ILE C 37 -5.61 24.79 -4.66
CA ILE C 37 -6.68 24.37 -5.59
C ILE C 37 -6.67 25.40 -6.71
N VAL C 38 -6.39 24.99 -7.93
CA VAL C 38 -6.10 25.93 -9.05
C VAL C 38 -7.37 26.27 -9.82
N GLY C 39 -8.47 25.54 -9.63
CA GLY C 39 -9.68 25.77 -10.43
C GLY C 39 -10.73 24.74 -10.11
N ILE C 40 -11.97 25.01 -10.47
CA ILE C 40 -13.16 24.22 -10.10
C ILE C 40 -14.03 24.09 -11.34
N ALA C 41 -14.57 22.90 -11.58
CA ALA C 41 -15.57 22.70 -12.64
C ALA C 41 -16.76 21.96 -12.06
N VAL C 42 -17.93 22.37 -12.48
CA VAL C 42 -19.21 21.70 -12.14
C VAL C 42 -19.93 21.42 -13.46
N VAL C 43 -20.35 20.19 -13.66
CA VAL C 43 -21.28 19.84 -14.76
C VAL C 43 -22.47 19.17 -14.08
N ASN C 44 -23.65 19.67 -14.44
CA ASN C 44 -24.95 19.21 -13.91
C ASN C 44 -25.97 19.37 -15.04
N GLU C 45 -27.23 19.02 -14.76
CA GLU C 45 -28.37 19.12 -15.72
C GLU C 45 -28.44 20.54 -16.31
N HIS C 46 -27.97 21.58 -15.59
CA HIS C 46 -28.15 23.00 -15.99
C HIS C 46 -27.04 23.43 -16.93
N GLY C 47 -25.97 22.65 -17.09
CA GLY C 47 -24.84 23.03 -17.94
C GLY C 47 -23.47 22.84 -17.30
N ARG C 48 -22.48 23.54 -17.86
CA ARG C 48 -21.05 23.38 -17.54
C ARG C 48 -20.49 24.73 -17.08
N PHE C 49 -19.76 24.71 -15.95
CA PHE C 49 -19.28 25.90 -15.23
C PHE C 49 -17.83 25.68 -14.77
N PHE C 50 -16.99 26.67 -15.00
CA PHE C 50 -15.69 26.82 -14.33
C PHE C 50 -15.79 28.01 -13.37
N LEU C 51 -15.28 27.82 -12.16
CA LEU C 51 -15.17 28.86 -11.11
C LEU C 51 -13.72 28.99 -10.68
N ARG C 52 -13.29 30.21 -10.41
CA ARG C 52 -11.98 30.46 -9.78
C ARG C 52 -12.14 30.07 -8.33
N PRO C 53 -11.15 29.39 -7.75
CA PRO C 53 -11.27 28.90 -6.38
C PRO C 53 -11.35 30.00 -5.29
N GLU C 54 -10.64 31.13 -5.46
CA GLU C 54 -10.70 32.26 -4.48
C GLU C 54 -12.15 32.78 -4.41
N THR C 55 -12.86 32.77 -5.53
CA THR C 55 -14.30 33.06 -5.62
C THR C 55 -15.09 31.94 -4.93
N ALA C 56 -15.05 30.70 -5.46
CA ALA C 56 -15.98 29.62 -5.06
C ALA C 56 -15.78 29.29 -3.59
N LEU C 57 -14.54 29.16 -3.13
CA LEU C 57 -14.27 28.69 -1.75
C LEU C 57 -14.55 29.79 -0.70
N ALA C 58 -14.70 31.05 -1.09
CA ALA C 58 -15.06 32.17 -0.18
C ALA C 58 -16.57 32.40 -0.18
N ASP C 59 -17.29 31.74 -1.10
CA ASP C 59 -18.75 31.86 -1.22
C ASP C 59 -19.42 30.91 -0.25
N PRO C 60 -20.19 31.40 0.76
CA PRO C 60 -20.87 30.51 1.71
C PRO C 60 -21.85 29.49 1.13
N GLN C 61 -22.54 29.85 0.04
CA GLN C 61 -23.52 28.96 -0.64
C GLN C 61 -22.77 27.76 -1.25
N PHE C 62 -21.62 28.00 -1.89
CA PHE C 62 -20.80 26.94 -2.52
C PHE C 62 -20.23 26.01 -1.45
N VAL C 63 -19.61 26.57 -0.43
CA VAL C 63 -19.05 25.83 0.74
C VAL C 63 -20.15 24.95 1.35
N ALA C 64 -21.37 25.48 1.56
CA ALA C 64 -22.45 24.69 2.20
C ALA C 64 -22.85 23.57 1.22
N TRP C 65 -22.87 23.84 -0.09
CA TRP C 65 -23.20 22.81 -1.10
C TRP C 65 -22.14 21.69 -1.05
N LEU C 66 -20.85 22.05 -0.97
CA LEU C 66 -19.74 21.08 -0.84
C LEU C 66 -19.99 20.19 0.37
N GLY C 67 -20.38 20.80 1.50
CA GLY C 67 -20.58 20.09 2.78
C GLY C 67 -21.93 19.37 2.88
N ASP C 68 -22.81 19.50 1.90
CA ASP C 68 -24.19 18.94 2.00
C ASP C 68 -24.16 17.49 1.46
N GLU C 69 -24.21 16.52 2.35
CA GLU C 69 -24.35 15.08 2.06
C GLU C 69 -25.46 14.79 1.04
N THR C 70 -26.51 15.61 0.97
CA THR C 70 -27.69 15.32 0.10
C THR C 70 -27.46 15.89 -1.28
N LYS C 71 -26.38 16.65 -1.47
CA LYS C 71 -25.98 17.16 -2.80
C LYS C 71 -24.92 16.22 -3.33
N LYS C 72 -25.28 15.32 -4.25
CA LYS C 72 -24.41 14.17 -4.65
C LYS C 72 -23.41 14.67 -5.68
N LYS C 73 -22.15 14.29 -5.52
CA LYS C 73 -21.06 14.65 -6.45
C LYS C 73 -20.41 13.38 -6.98
N SER C 74 -20.10 13.42 -8.28
CA SER C 74 -19.27 12.46 -9.01
C SER C 74 -17.91 13.09 -9.25
N MET C 75 -16.86 12.40 -8.85
CA MET C 75 -15.48 12.95 -8.90
C MET C 75 -14.53 11.89 -9.45
N PHE C 76 -13.32 12.32 -9.78
CA PHE C 76 -12.16 11.43 -9.90
C PHE C 76 -11.15 11.80 -8.83
N ASP C 77 -10.76 10.84 -8.00
CA ASP C 77 -9.77 10.98 -6.88
C ASP C 77 -10.32 11.99 -5.88
N SER C 78 -11.49 11.68 -5.28
CA SER C 78 -12.18 12.57 -4.33
C SER C 78 -11.29 12.76 -3.08
N LYS C 79 -10.47 11.79 -2.69
CA LYS C 79 -9.57 11.95 -1.53
C LYS C 79 -8.65 13.17 -1.69
N ARG C 80 -8.06 13.37 -2.87
CA ARG C 80 -7.16 14.50 -3.17
C ARG C 80 -7.91 15.81 -2.89
N ALA C 81 -9.13 15.95 -3.38
CA ALA C 81 -9.97 17.15 -3.19
C ALA C 81 -10.32 17.26 -1.72
N ALA C 82 -10.74 16.13 -1.12
CA ALA C 82 -11.19 16.12 0.29
C ALA C 82 -10.07 16.67 1.18
N VAL C 83 -8.85 16.18 0.97
CA VAL C 83 -7.72 16.53 1.84
C VAL C 83 -7.33 17.99 1.57
N ALA C 84 -7.17 18.40 0.31
CA ALA C 84 -6.81 19.81 0.01
C ALA C 84 -7.87 20.72 0.64
N LEU C 85 -9.14 20.32 0.63
CA LEU C 85 -10.21 21.15 1.25
C LEU C 85 -10.10 21.11 2.77
N LYS C 86 -9.76 19.96 3.37
CA LYS C 86 -9.57 19.89 4.84
C LYS C 86 -8.48 20.89 5.28
N TRP C 87 -7.40 21.02 4.53
CA TRP C 87 -6.32 21.97 4.88
C TRP C 87 -6.83 23.41 4.84
N LYS C 88 -7.95 23.67 4.17
CA LYS C 88 -8.58 25.03 4.08
C LYS C 88 -9.77 25.11 5.02
N GLY C 89 -10.01 24.09 5.86
CA GLY C 89 -11.11 24.07 6.85
C GLY C 89 -12.44 23.88 6.16
N ILE C 90 -12.49 23.19 5.00
CA ILE C 90 -13.74 23.00 4.21
C ILE C 90 -14.04 21.49 4.12
N GLU C 91 -15.24 21.09 4.51
CA GLU C 91 -15.70 19.68 4.49
C GLU C 91 -16.33 19.39 3.12
N LEU C 92 -15.90 18.31 2.47
CA LEU C 92 -16.53 17.75 1.27
C LEU C 92 -17.37 16.55 1.68
N CYS C 93 -18.67 16.55 1.40
CA CYS C 93 -19.57 15.39 1.59
C CYS C 93 -20.34 15.13 0.29
N GLY C 94 -21.05 14.00 0.25
CA GLY C 94 -21.99 13.61 -0.81
C GLY C 94 -21.30 13.08 -2.06
N VAL C 95 -20.05 12.64 -1.95
CA VAL C 95 -19.35 12.05 -3.12
C VAL C 95 -19.86 10.61 -3.23
N SER C 96 -20.74 10.37 -4.20
CA SER C 96 -21.49 9.09 -4.38
C SER C 96 -20.82 8.26 -5.45
N PHE C 97 -19.87 8.81 -6.20
CA PHE C 97 -19.15 8.06 -7.25
C PHE C 97 -17.78 8.69 -7.51
N ASP C 98 -16.74 7.85 -7.40
CA ASP C 98 -15.32 8.20 -7.65
C ASP C 98 -14.82 7.33 -8.80
N LEU C 99 -14.64 7.95 -9.97
CA LEU C 99 -14.26 7.28 -11.23
C LEU C 99 -12.91 6.58 -11.06
N LEU C 100 -11.93 7.20 -10.37
CA LEU C 100 -10.61 6.55 -10.12
C LEU C 100 -10.87 5.19 -9.45
N LEU C 101 -11.70 5.14 -8.42
CA LEU C 101 -11.90 3.87 -7.66
C LEU C 101 -12.71 2.89 -8.52
N ALA C 102 -13.63 3.41 -9.35
CA ALA C 102 -14.48 2.58 -10.23
C ALA C 102 -13.57 1.86 -11.22
N ALA C 103 -12.69 2.61 -11.87
CA ALA C 103 -11.76 2.06 -12.89
C ALA C 103 -10.80 1.08 -12.21
N TYR C 104 -10.33 1.42 -11.03
CA TYR C 104 -9.41 0.54 -10.29
C TYR C 104 -10.09 -0.83 -10.03
N LEU C 105 -11.32 -0.87 -9.56
CA LEU C 105 -11.98 -2.16 -9.28
C LEU C 105 -12.19 -2.91 -10.58
N LEU C 106 -12.60 -2.24 -11.67
CA LEU C 106 -12.89 -2.91 -12.98
C LEU C 106 -11.62 -3.51 -13.56
N ASP C 107 -10.48 -2.84 -13.39
CA ASP C 107 -9.20 -3.34 -13.94
C ASP C 107 -8.01 -2.58 -13.38
N PRO C 108 -7.36 -3.12 -12.33
CA PRO C 108 -6.19 -2.51 -11.74
C PRO C 108 -4.99 -2.43 -12.67
N ALA C 109 -4.90 -3.27 -13.72
CA ALA C 109 -3.71 -3.38 -14.62
C ALA C 109 -3.64 -2.18 -15.58
N GLN C 110 -4.75 -1.48 -15.76
CA GLN C 110 -4.86 -0.27 -16.61
C GLN C 110 -3.95 0.85 -16.07
N GLY C 111 -3.65 0.88 -14.76
CA GLY C 111 -2.87 1.95 -14.12
C GLY C 111 -3.56 3.31 -14.30
N VAL C 112 -4.89 3.34 -14.20
CA VAL C 112 -5.69 4.58 -14.47
C VAL C 112 -5.29 5.61 -13.41
N ASP C 113 -4.56 6.65 -13.82
CA ASP C 113 -4.13 7.74 -12.92
C ASP C 113 -4.81 9.04 -13.33
N ASP C 114 -5.58 9.07 -14.43
CA ASP C 114 -6.26 10.33 -14.81
C ASP C 114 -7.59 10.02 -15.48
N VAL C 115 -8.41 11.06 -15.59
CA VAL C 115 -9.76 10.96 -16.21
C VAL C 115 -9.63 10.43 -17.63
N ALA C 116 -8.63 10.87 -18.39
CA ALA C 116 -8.47 10.45 -19.81
C ALA C 116 -8.35 8.93 -19.89
N ALA C 117 -7.53 8.32 -19.04
CA ALA C 117 -7.27 6.86 -19.11
C ALA C 117 -8.53 6.11 -18.68
N ALA C 118 -9.30 6.62 -17.72
CA ALA C 118 -10.57 6.02 -17.31
C ALA C 118 -11.57 6.08 -18.47
N ALA C 119 -11.67 7.25 -19.09
CA ALA C 119 -12.57 7.50 -20.24
C ALA C 119 -12.20 6.62 -21.42
N LYS C 120 -10.92 6.36 -21.65
CA LYS C 120 -10.51 5.53 -22.81
C LYS C 120 -11.08 4.11 -22.60
N MET C 121 -11.32 3.64 -21.36
CA MET C 121 -11.91 2.30 -21.13
C MET C 121 -13.29 2.19 -21.79
N LYS C 122 -14.01 3.32 -21.95
CA LYS C 122 -15.38 3.32 -22.54
C LYS C 122 -15.39 4.11 -23.87
N GLN C 123 -14.27 4.24 -24.58
CA GLN C 123 -14.23 4.81 -25.97
C GLN C 123 -14.59 6.32 -25.92
N TYR C 124 -14.34 6.98 -24.80
CA TYR C 124 -14.55 8.43 -24.59
C TYR C 124 -13.18 9.11 -24.67
N GLU C 125 -12.99 9.97 -25.66
CA GLU C 125 -11.65 10.56 -25.93
C GLU C 125 -11.70 12.09 -26.01
N ALA C 126 -12.84 12.70 -25.67
CA ALA C 126 -13.02 14.18 -25.72
C ALA C 126 -12.44 14.82 -24.44
N VAL C 127 -11.29 14.34 -24.01
CA VAL C 127 -10.61 14.89 -22.80
C VAL C 127 -9.12 14.54 -22.92
N ARG C 128 -8.25 15.44 -22.51
CA ARG C 128 -6.78 15.24 -22.60
C ARG C 128 -6.26 14.58 -21.32
N PRO C 129 -5.19 13.77 -21.44
CA PRO C 129 -4.42 13.35 -20.27
C PRO C 129 -3.89 14.60 -19.53
N ASP C 130 -3.89 14.55 -18.20
CA ASP C 130 -3.35 15.63 -17.33
C ASP C 130 -1.91 15.97 -17.78
N GLU C 131 -1.12 14.97 -18.13
CA GLU C 131 0.32 15.12 -18.47
C GLU C 131 0.47 16.01 -19.70
N ALA C 132 -0.42 15.88 -20.68
CA ALA C 132 -0.43 16.73 -21.88
C ALA C 132 -0.75 18.18 -21.46
N VAL C 133 -1.58 18.40 -20.44
CA VAL C 133 -2.02 19.79 -20.13
C VAL C 133 -0.96 20.41 -19.20
N TYR C 134 -0.47 19.66 -18.23
CA TYR C 134 0.38 20.22 -17.14
C TYR C 134 1.86 20.02 -17.47
N GLY C 135 2.22 19.15 -18.42
CA GLY C 135 3.61 18.70 -18.62
C GLY C 135 4.02 17.75 -17.49
N LYS C 136 5.29 17.37 -17.43
CA LYS C 136 5.77 16.32 -16.49
C LYS C 136 7.03 16.78 -15.75
N GLY C 137 7.13 16.42 -14.47
CA GLY C 137 8.35 16.52 -13.63
C GLY C 137 8.74 17.96 -13.36
N ALA C 138 9.73 18.48 -14.11
CA ALA C 138 10.33 19.83 -13.94
C ALA C 138 9.53 20.86 -14.72
N LYS C 139 9.27 20.60 -16.01
CA LYS C 139 8.56 21.49 -16.97
C LYS C 139 7.10 21.72 -16.55
N ARG C 140 6.68 21.27 -15.36
CA ARG C 140 5.26 21.07 -14.99
C ARG C 140 4.65 22.37 -14.44
N ALA C 141 3.58 22.83 -15.08
CA ALA C 141 3.03 24.18 -14.89
C ALA C 141 1.50 24.16 -15.01
N VAL C 142 0.80 24.86 -14.13
CA VAL C 142 -0.59 25.30 -14.40
C VAL C 142 -0.52 26.17 -15.65
N PRO C 143 -1.31 25.87 -16.72
CA PRO C 143 -1.37 26.74 -17.90
C PRO C 143 -2.30 27.94 -17.65
N ASP C 144 -2.41 28.84 -18.64
CA ASP C 144 -3.31 30.03 -18.53
C ASP C 144 -4.75 29.57 -18.39
N GLU C 145 -5.62 30.46 -17.91
CA GLU C 145 -6.99 30.14 -17.49
C GLU C 145 -7.82 29.50 -18.61
N PRO C 146 -7.73 29.97 -19.88
CA PRO C 146 -8.62 29.46 -20.91
C PRO C 146 -8.36 27.96 -21.14
N VAL C 147 -7.08 27.58 -21.20
CA VAL C 147 -6.61 26.17 -21.34
C VAL C 147 -7.03 25.40 -20.08
N LEU C 148 -6.77 25.94 -18.88
CA LEU C 148 -7.04 25.23 -17.59
C LEU C 148 -8.54 24.92 -17.49
N ALA C 149 -9.38 25.93 -17.71
CA ALA C 149 -10.82 25.83 -17.50
C ALA C 149 -11.39 24.83 -18.50
N GLU C 150 -10.94 24.89 -19.75
CA GLU C 150 -11.47 23.95 -20.77
C GLU C 150 -11.10 22.53 -20.32
N HIS C 151 -9.91 22.33 -19.79
CA HIS C 151 -9.45 21.00 -19.35
C HIS C 151 -10.33 20.52 -18.19
N LEU C 152 -10.54 21.34 -17.18
CA LEU C 152 -11.34 20.92 -15.99
C LEU C 152 -12.78 20.64 -16.39
N VAL C 153 -13.34 21.48 -17.27
CA VAL C 153 -14.74 21.27 -17.73
C VAL C 153 -14.81 19.93 -18.51
N ARG C 154 -13.88 19.63 -19.39
CA ARG C 154 -13.84 18.32 -20.10
C ARG C 154 -13.71 17.14 -19.12
N LYS C 155 -12.90 17.26 -18.06
CA LYS C 155 -12.77 16.17 -17.07
C LYS C 155 -14.15 15.95 -16.41
N ALA C 156 -14.79 17.04 -16.03
CA ALA C 156 -16.10 17.00 -15.36
C ALA C 156 -17.14 16.41 -16.31
N ALA C 157 -17.14 16.85 -17.57
CA ALA C 157 -18.12 16.36 -18.58
C ALA C 157 -17.91 14.84 -18.76
N ALA C 158 -16.65 14.38 -18.84
CA ALA C 158 -16.28 12.95 -18.93
C ALA C 158 -16.86 12.19 -17.72
N ILE C 159 -16.59 12.69 -16.51
CA ILE C 159 -17.11 12.07 -15.27
C ILE C 159 -18.63 11.97 -15.33
N TRP C 160 -19.28 13.08 -15.63
CA TRP C 160 -20.75 13.14 -15.83
C TRP C 160 -21.21 12.01 -16.74
N GLU C 161 -20.56 11.83 -17.89
CA GLU C 161 -20.98 10.81 -18.90
C GLU C 161 -20.59 9.39 -18.48
N LEU C 162 -19.48 9.20 -17.77
CA LEU C 162 -18.92 7.84 -17.58
C LEU C 162 -19.50 7.17 -16.32
N GLU C 163 -20.19 7.90 -15.47
CA GLU C 163 -20.72 7.33 -14.22
C GLU C 163 -21.57 6.09 -14.55
N ARG C 164 -22.53 6.25 -15.46
CA ARG C 164 -23.55 5.22 -15.78
C ARG C 164 -22.85 3.95 -16.28
N PRO C 165 -22.05 3.98 -17.35
CA PRO C 165 -21.40 2.75 -17.84
C PRO C 165 -20.37 2.11 -16.88
N PHE C 166 -19.66 2.90 -16.08
CA PHE C 166 -18.75 2.31 -15.05
C PHE C 166 -19.61 1.56 -14.03
N LEU C 167 -20.71 2.16 -13.59
CA LEU C 167 -21.60 1.55 -12.57
C LEU C 167 -22.27 0.29 -13.14
N ASP C 168 -22.65 0.29 -14.42
CA ASP C 168 -23.29 -0.87 -15.10
C ASP C 168 -22.29 -2.03 -15.11
N GLU C 169 -21.06 -1.79 -15.56
CA GLU C 169 -20.04 -2.86 -15.60
C GLU C 169 -19.68 -3.31 -14.17
N LEU C 170 -19.49 -2.42 -13.20
CA LEU C 170 -19.26 -2.87 -11.80
C LEU C 170 -20.40 -3.81 -11.35
N ARG C 171 -21.64 -3.45 -11.67
CA ARG C 171 -22.88 -4.22 -11.32
C ARG C 171 -22.81 -5.60 -11.97
N ARG C 172 -22.41 -5.68 -13.25
CA ARG C 172 -22.32 -6.98 -13.95
C ARG C 172 -21.23 -7.83 -13.27
N ASN C 173 -20.15 -7.20 -12.80
CA ASN C 173 -19.02 -7.89 -12.12
C ASN C 173 -19.37 -8.18 -10.64
N GLU C 174 -20.50 -7.71 -10.12
CA GLU C 174 -20.86 -7.80 -8.67
C GLU C 174 -19.84 -7.04 -7.81
N GLN C 175 -19.37 -5.90 -8.31
CA GLN C 175 -18.40 -5.00 -7.64
C GLN C 175 -19.09 -3.71 -7.21
N ASP C 176 -20.41 -3.61 -7.38
CA ASP C 176 -21.13 -2.34 -7.10
C ASP C 176 -21.03 -2.04 -5.61
N ARG C 177 -21.22 -3.04 -4.77
CA ARG C 177 -21.11 -2.86 -3.31
C ARG C 177 -19.64 -2.73 -2.91
N LEU C 178 -18.72 -3.41 -3.58
CA LEU C 178 -17.27 -3.20 -3.32
C LEU C 178 -16.93 -1.72 -3.53
N LEU C 179 -17.52 -1.06 -4.53
CA LEU C 179 -17.29 0.39 -4.70
C LEU C 179 -17.97 1.20 -3.57
N VAL C 180 -19.27 1.00 -3.37
CA VAL C 180 -20.14 1.95 -2.64
C VAL C 180 -19.96 1.75 -1.13
N GLU C 181 -19.69 0.53 -0.70
CA GLU C 181 -19.70 0.15 0.74
C GLU C 181 -18.29 -0.09 1.25
N LEU C 182 -17.30 -0.31 0.38
CA LEU C 182 -15.92 -0.51 0.86
C LEU C 182 -15.03 0.66 0.42
N GLU C 183 -14.68 0.76 -0.86
CA GLU C 183 -13.59 1.65 -1.33
C GLU C 183 -13.98 3.12 -1.15
N GLN C 184 -15.22 3.51 -1.44
CA GLN C 184 -15.61 4.95 -1.29
C GLN C 184 -15.58 5.34 0.18
N PRO C 185 -16.23 4.61 1.13
CA PRO C 185 -16.15 4.99 2.54
C PRO C 185 -14.69 4.92 3.04
N LEU C 186 -13.92 3.94 2.58
CA LEU C 186 -12.51 3.86 3.03
C LEU C 186 -11.74 5.12 2.59
N SER C 187 -11.98 5.58 1.36
CA SER C 187 -11.44 6.82 0.77
C SER C 187 -11.53 7.99 1.78
N SER C 188 -12.70 8.24 2.37
CA SER C 188 -12.90 9.31 3.37
C SER C 188 -12.10 9.01 4.65
N ILE C 189 -11.92 7.73 5.01
CA ILE C 189 -11.18 7.37 6.25
C ILE C 189 -9.70 7.64 6.01
N LEU C 190 -9.19 7.25 4.85
CA LEU C 190 -7.77 7.53 4.48
C LEU C 190 -7.55 9.04 4.49
N ALA C 191 -8.46 9.83 3.93
CA ALA C 191 -8.42 11.32 3.95
C ALA C 191 -8.17 11.78 5.39
N GLU C 192 -8.94 11.28 6.36
CA GLU C 192 -8.80 11.70 7.77
C GLU C 192 -7.42 11.32 8.28
N MET C 193 -6.98 10.10 7.98
CA MET C 193 -5.71 9.56 8.50
C MET C 193 -4.59 10.45 7.96
N GLU C 194 -4.64 10.79 6.67
CA GLU C 194 -3.56 11.51 5.97
C GLU C 194 -3.50 12.91 6.57
N PHE C 195 -4.67 13.53 6.73
CA PHE C 195 -4.79 14.92 7.23
C PHE C 195 -4.30 15.00 8.69
N ALA C 196 -4.68 14.06 9.56
CA ALA C 196 -4.27 14.09 10.99
C ALA C 196 -2.75 13.90 11.04
N GLY C 197 -2.23 12.98 10.22
CA GLY C 197 -0.79 12.74 10.11
C GLY C 197 -0.25 12.13 11.39
N VAL C 198 1.06 11.97 11.46
CA VAL C 198 1.76 11.29 12.58
C VAL C 198 2.83 12.25 13.08
N LYS C 199 2.82 12.52 14.38
CA LYS C 199 3.82 13.38 15.05
C LYS C 199 5.19 12.70 15.02
N VAL C 200 6.23 13.44 14.68
CA VAL C 200 7.62 12.91 14.72
C VAL C 200 8.43 13.68 15.77
N ASP C 201 9.25 12.95 16.51
CA ASP C 201 10.26 13.49 17.45
C ASP C 201 11.49 13.85 16.64
N THR C 202 11.49 15.02 16.00
CA THR C 202 12.58 15.40 15.05
C THR C 202 13.92 15.46 15.79
N LYS C 203 13.93 15.86 17.07
CA LYS C 203 15.20 15.92 17.87
C LYS C 203 15.80 14.52 17.94
N ARG C 204 14.98 13.53 18.26
CA ARG C 204 15.42 12.10 18.30
C ARG C 204 16.00 11.74 16.94
N LEU C 205 15.32 12.06 15.84
CA LEU C 205 15.81 11.71 14.48
C LEU C 205 17.15 12.43 14.24
N GLU C 206 17.25 13.73 14.56
CA GLU C 206 18.50 14.52 14.36
C GLU C 206 19.66 13.84 15.11
N GLN C 207 19.42 13.41 16.34
CA GLN C 207 20.46 12.80 17.22
C GLN C 207 20.85 11.45 16.62
N MET C 208 19.89 10.62 16.20
CA MET C 208 20.19 9.36 15.46
C MET C 208 21.01 9.70 14.22
N GLY C 209 20.62 10.74 13.48
CA GLY C 209 21.39 11.29 12.34
C GLY C 209 22.87 11.42 12.66
N LYS C 210 23.20 12.05 13.80
CA LYS C 210 24.60 12.38 14.20
C LYS C 210 25.38 11.09 14.48
N GLU C 211 24.84 10.19 15.32
CA GLU C 211 25.48 8.90 15.69
C GLU C 211 25.79 8.09 14.42
N LEU C 212 24.84 8.02 13.48
CA LEU C 212 24.96 7.29 12.20
C LEU C 212 26.09 7.88 11.35
N ALA C 213 26.14 9.21 11.23
CA ALA C 213 27.14 9.96 10.41
C ALA C 213 28.56 9.68 10.91
N GLU C 214 28.73 9.59 12.24
CA GLU C 214 30.03 9.25 12.89
C GLU C 214 30.38 7.80 12.58
N GLN C 215 29.43 6.87 12.80
CA GLN C 215 29.61 5.41 12.56
C GLN C 215 29.90 5.14 11.07
N LEU C 216 29.21 5.83 10.16
CA LEU C 216 29.45 5.70 8.69
C LEU C 216 30.88 6.14 8.37
N GLY C 217 31.32 7.28 8.90
CA GLY C 217 32.67 7.86 8.70
C GLY C 217 33.77 6.90 9.13
N THR C 218 33.59 6.27 10.29
CA THR C 218 34.39 5.13 10.83
C THR C 218 34.46 4.00 9.80
N VAL C 219 33.30 3.45 9.43
CA VAL C 219 33.18 2.23 8.58
C VAL C 219 33.66 2.56 7.16
N GLU C 220 33.42 3.78 6.66
CA GLU C 220 33.97 4.25 5.36
C GLU C 220 35.50 4.10 5.36
N GLN C 221 36.15 4.60 6.44
CA GLN C 221 37.63 4.66 6.56
C GLN C 221 38.19 3.24 6.61
N ARG C 222 37.60 2.37 7.43
CA ARG C 222 37.94 0.92 7.55
C ARG C 222 37.92 0.31 6.13
N ILE C 223 36.85 0.56 5.37
CA ILE C 223 36.63 -0.04 4.02
C ILE C 223 37.80 0.35 3.10
N TYR C 224 38.21 1.61 3.11
CA TYR C 224 39.27 2.13 2.21
C TYR C 224 40.65 1.61 2.65
N GLU C 225 40.80 1.30 3.95
CA GLU C 225 42.02 0.69 4.54
C GLU C 225 42.13 -0.76 4.04
N LEU C 226 41.03 -1.52 4.07
CA LEU C 226 40.99 -2.96 3.68
C LEU C 226 41.12 -3.13 2.17
N ALA C 227 40.58 -2.18 1.39
CA ALA C 227 40.67 -2.14 -0.09
C ALA C 227 41.97 -1.47 -0.54
N GLY C 228 42.72 -0.87 0.41
CA GLY C 228 43.91 -0.04 0.16
C GLY C 228 43.67 0.94 -0.97
N GLN C 229 42.57 1.69 -0.91
CA GLN C 229 42.24 2.81 -1.82
C GLN C 229 40.80 3.30 -1.61
N GLU C 230 40.56 4.57 -1.97
CA GLU C 230 39.22 5.22 -1.95
C GLU C 230 38.45 4.83 -3.21
N PHE C 231 37.16 4.54 -3.06
CA PHE C 231 36.20 4.35 -4.18
C PHE C 231 34.80 4.74 -3.71
N ASN C 232 33.86 4.90 -4.62
CA ASN C 232 32.44 5.06 -4.22
C ASN C 232 31.88 3.69 -3.85
N ILE C 233 31.75 3.41 -2.55
CA ILE C 233 31.17 2.16 -1.98
C ILE C 233 29.73 1.95 -2.49
N ASN C 234 29.08 2.99 -3.04
CA ASN C 234 27.68 2.90 -3.53
C ASN C 234 27.65 2.60 -5.04
N SER C 235 28.80 2.66 -5.73
CA SER C 235 28.91 2.30 -7.17
C SER C 235 28.68 0.80 -7.31
N PRO C 236 27.61 0.34 -8.01
CA PRO C 236 27.36 -1.10 -8.10
C PRO C 236 28.55 -1.75 -8.82
N LYS C 237 29.18 -0.97 -9.72
CA LYS C 237 30.31 -1.42 -10.59
C LYS C 237 31.62 -1.30 -9.79
N GLN C 238 31.92 -0.15 -9.16
CA GLN C 238 33.25 0.10 -8.53
C GLN C 238 33.49 -0.89 -7.39
N LEU C 239 32.41 -1.24 -6.66
CA LEU C 239 32.42 -2.26 -5.57
C LEU C 239 32.79 -3.62 -6.16
N GLY C 240 32.21 -3.98 -7.31
CA GLY C 240 32.48 -5.23 -8.07
C GLY C 240 33.93 -5.34 -8.53
N VAL C 241 34.61 -4.21 -8.76
CA VAL C 241 36.03 -4.13 -9.19
C VAL C 241 36.93 -4.32 -7.96
N ILE C 242 36.49 -3.80 -6.81
CA ILE C 242 37.25 -3.93 -5.53
C ILE C 242 37.12 -5.39 -5.07
N LEU C 243 35.91 -5.96 -5.13
CA LEU C 243 35.65 -7.30 -4.56
C LEU C 243 36.22 -8.37 -5.50
N PHE C 244 35.77 -8.37 -6.76
CA PHE C 244 35.97 -9.49 -7.71
C PHE C 244 37.26 -9.31 -8.55
N GLU C 245 37.89 -8.13 -8.62
CA GLU C 245 39.09 -7.91 -9.48
C GLU C 245 40.32 -7.65 -8.61
N LYS C 246 40.29 -6.64 -7.72
CA LYS C 246 41.46 -6.31 -6.88
C LYS C 246 41.68 -7.40 -5.80
N LEU C 247 40.64 -7.73 -5.02
CA LEU C 247 40.73 -8.69 -3.90
C LEU C 247 40.45 -10.10 -4.40
N GLN C 248 39.85 -10.24 -5.58
CA GLN C 248 39.71 -11.47 -6.39
C GLN C 248 38.78 -12.48 -5.72
N LEU C 249 37.80 -12.01 -4.96
CA LEU C 249 36.83 -12.88 -4.23
C LEU C 249 36.07 -13.69 -5.28
N PRO C 250 35.59 -14.90 -4.94
CA PRO C 250 34.86 -15.71 -5.92
C PRO C 250 33.59 -14.99 -6.38
N VAL C 251 33.26 -15.16 -7.65
CA VAL C 251 31.98 -14.73 -8.28
C VAL C 251 30.99 -15.88 -8.06
N LEU C 252 30.08 -15.75 -7.10
CA LEU C 252 29.07 -16.79 -6.78
C LEU C 252 27.80 -16.52 -7.58
N LYS C 253 27.66 -15.33 -8.19
CA LYS C 253 26.47 -14.92 -8.97
C LYS C 253 26.77 -13.65 -9.80
N LYS C 254 26.31 -13.63 -11.06
CA LYS C 254 26.31 -12.46 -12.00
C LYS C 254 24.90 -11.82 -12.04
N THR C 255 24.73 -10.68 -12.72
CA THR C 255 23.42 -9.96 -12.89
C THR C 255 23.24 -9.52 -14.35
N LYS C 256 23.97 -8.49 -14.80
CA LYS C 256 23.90 -7.98 -16.20
C LYS C 256 25.15 -7.14 -16.52
N THR C 257 25.30 -5.96 -15.92
CA THR C 257 26.48 -5.05 -16.08
C THR C 257 27.76 -5.79 -15.62
N GLY C 258 27.63 -6.64 -14.60
CA GLY C 258 28.73 -7.47 -14.07
C GLY C 258 28.26 -8.39 -12.96
N TYR C 259 28.69 -8.12 -11.74
CA TYR C 259 28.68 -9.09 -10.61
C TYR C 259 27.61 -8.69 -9.57
N SER C 260 26.92 -9.67 -8.97
CA SER C 260 25.97 -9.41 -7.86
C SER C 260 26.78 -8.98 -6.63
N THR C 261 26.35 -7.89 -5.98
CA THR C 261 26.82 -7.48 -4.64
C THR C 261 25.64 -7.44 -3.67
N SER C 262 24.57 -8.21 -3.90
CA SER C 262 23.45 -8.35 -2.92
C SER C 262 23.96 -8.94 -1.59
N ALA C 263 23.21 -8.72 -0.50
CA ALA C 263 23.58 -9.12 0.88
C ALA C 263 23.59 -10.65 0.99
N ASP C 264 22.72 -11.33 0.24
CA ASP C 264 22.76 -12.79 -0.03
C ASP C 264 24.23 -13.20 -0.28
N VAL C 265 24.80 -12.71 -1.38
CA VAL C 265 26.16 -13.05 -1.86
C VAL C 265 27.21 -12.59 -0.84
N LEU C 266 27.20 -11.31 -0.46
CA LEU C 266 28.27 -10.73 0.40
C LEU C 266 28.45 -11.58 1.66
N GLU C 267 27.37 -12.11 2.24
CA GLU C 267 27.44 -12.88 3.52
C GLU C 267 28.36 -14.09 3.34
N LYS C 268 28.16 -14.85 2.25
CA LYS C 268 28.97 -16.03 1.84
C LYS C 268 30.43 -15.64 1.59
N LEU C 269 30.72 -14.38 1.24
CA LEU C 269 32.08 -13.89 0.90
C LEU C 269 32.82 -13.36 2.14
N ALA C 270 32.09 -13.10 3.25
CA ALA C 270 32.69 -12.53 4.48
C ALA C 270 33.92 -13.34 4.92
N PRO C 271 33.85 -14.70 4.99
CA PRO C 271 35.01 -15.48 5.43
C PRO C 271 36.29 -15.17 4.64
N TYR C 272 36.16 -14.78 3.36
CA TYR C 272 37.31 -14.62 2.43
C TYR C 272 38.12 -13.38 2.83
N HIS C 273 37.42 -12.33 3.28
CA HIS C 273 38.04 -11.00 3.47
C HIS C 273 37.21 -10.16 4.46
N GLU C 274 37.93 -9.40 5.28
CA GLU C 274 37.39 -8.57 6.39
C GLU C 274 36.62 -7.36 5.83
N ILE C 275 36.79 -7.06 4.53
CA ILE C 275 36.13 -5.90 3.86
C ILE C 275 34.62 -6.14 3.79
N VAL C 276 34.18 -7.40 3.69
CA VAL C 276 32.78 -7.69 3.27
C VAL C 276 31.82 -7.26 4.39
N GLU C 277 32.13 -7.63 5.65
CA GLU C 277 31.26 -7.37 6.83
C GLU C 277 31.14 -5.85 7.03
N ASN C 278 32.25 -5.11 6.89
CA ASN C 278 32.27 -3.63 6.91
C ASN C 278 31.31 -3.09 5.82
N ILE C 279 31.34 -3.65 4.60
CA ILE C 279 30.48 -3.24 3.46
C ILE C 279 29.01 -3.46 3.85
N LEU C 280 28.71 -4.60 4.47
CA LEU C 280 27.32 -4.95 4.84
C LEU C 280 26.78 -4.01 5.92
N HIS C 281 27.61 -3.71 6.93
CA HIS C 281 27.30 -2.80 8.08
C HIS C 281 27.08 -1.40 7.51
N TYR C 282 28.01 -0.94 6.66
CA TYR C 282 27.96 0.37 5.94
C TYR C 282 26.64 0.53 5.18
N ARG C 283 26.17 -0.50 4.48
CA ARG C 283 24.89 -0.50 3.74
C ARG C 283 23.70 -0.39 4.71
N GLN C 284 23.72 -1.17 5.79
CA GLN C 284 22.70 -1.06 6.87
C GLN C 284 22.64 0.40 7.35
N LEU C 285 23.74 0.95 7.86
CA LEU C 285 23.81 2.35 8.37
C LEU C 285 23.32 3.31 7.27
N GLY C 286 23.83 3.16 6.05
CA GLY C 286 23.58 4.05 4.90
C GLY C 286 22.10 4.09 4.53
N LYS C 287 21.41 2.96 4.70
CA LYS C 287 19.97 2.81 4.41
C LYS C 287 19.18 3.59 5.48
N LEU C 288 19.43 3.29 6.75
CA LEU C 288 18.84 4.08 7.85
C LEU C 288 19.04 5.57 7.60
N GLN C 289 20.27 5.98 7.24
CA GLN C 289 20.65 7.42 7.12
C GLN C 289 19.87 8.04 5.96
N SER C 290 19.98 7.47 4.76
CA SER C 290 19.50 8.07 3.51
C SER C 290 17.96 8.04 3.48
N THR C 291 17.40 6.85 3.58
CA THR C 291 15.94 6.58 3.36
C THR C 291 15.15 7.07 4.56
N TYR C 292 15.63 6.85 5.79
CA TYR C 292 14.76 6.93 6.99
C TYR C 292 15.03 8.21 7.78
N ILE C 293 16.27 8.51 8.11
CA ILE C 293 16.59 9.76 8.85
C ILE C 293 16.39 10.95 7.91
N GLU C 294 17.17 11.04 6.83
CA GLU C 294 17.17 12.22 5.94
C GLU C 294 15.83 12.33 5.20
N GLY C 295 15.34 11.21 4.68
CA GLY C 295 14.02 11.13 4.00
C GLY C 295 12.88 11.64 4.86
N LEU C 296 12.84 11.22 6.12
CA LEU C 296 11.75 11.60 7.06
C LEU C 296 11.88 13.09 7.36
N LEU C 297 13.08 13.55 7.66
CA LEU C 297 13.28 14.96 8.09
C LEU C 297 12.97 15.89 6.92
N LYS C 298 13.21 15.45 5.69
CA LYS C 298 12.84 16.21 4.46
C LYS C 298 11.33 16.47 4.41
N VAL C 299 10.47 15.54 4.86
CA VAL C 299 8.99 15.65 4.62
C VAL C 299 8.27 16.01 5.92
N VAL C 300 8.93 16.10 7.06
CA VAL C 300 8.25 16.55 8.29
C VAL C 300 7.87 18.02 8.10
N ARG C 301 6.68 18.40 8.53
CA ARG C 301 6.23 19.81 8.45
C ARG C 301 6.85 20.51 9.65
N PRO C 302 7.67 21.53 9.41
CA PRO C 302 8.39 22.17 10.51
C PRO C 302 7.42 22.84 11.51
N ASP C 303 6.23 23.20 11.07
CA ASP C 303 5.28 23.90 11.96
C ASP C 303 4.68 22.92 12.97
N THR C 304 4.24 21.74 12.54
CA THR C 304 3.55 20.78 13.45
C THR C 304 4.49 19.63 13.84
N LYS C 305 5.60 19.44 13.14
CA LYS C 305 6.46 18.26 13.34
C LYS C 305 5.65 16.99 12.97
N LYS C 306 4.75 17.09 12.00
CA LYS C 306 4.03 15.87 11.54
C LYS C 306 4.47 15.48 10.14
N VAL C 307 4.35 14.18 9.87
CA VAL C 307 4.35 13.67 8.47
C VAL C 307 2.91 13.32 8.07
N HIS C 308 2.59 13.64 6.83
CA HIS C 308 1.27 13.45 6.17
C HIS C 308 1.54 12.60 4.93
N THR C 309 1.51 11.28 5.08
CA THR C 309 1.63 10.31 3.98
C THR C 309 0.43 10.47 3.04
N ILE C 310 0.58 9.99 1.83
CA ILE C 310 -0.54 9.83 0.87
C ILE C 310 -0.68 8.32 0.64
N PHE C 311 -1.80 7.76 1.06
CA PHE C 311 -2.16 6.36 0.72
C PHE C 311 -2.66 6.35 -0.72
N ASN C 312 -1.96 5.69 -1.64
CA ASN C 312 -2.52 5.46 -2.99
C ASN C 312 -3.46 4.27 -2.85
N GLN C 313 -4.75 4.49 -3.02
CA GLN C 313 -5.79 3.45 -2.88
C GLN C 313 -6.06 2.75 -4.21
N ALA C 314 -5.51 3.25 -5.33
CA ALA C 314 -5.83 2.75 -6.71
C ALA C 314 -4.55 2.40 -7.46
N LEU C 315 -3.63 1.69 -6.81
CA LEU C 315 -2.31 1.37 -7.45
C LEU C 315 -2.08 -0.14 -7.43
N THR C 316 -2.08 -0.80 -6.28
CA THR C 316 -1.57 -2.20 -6.24
C THR C 316 -2.49 -3.13 -7.03
N GLN C 317 -1.93 -4.15 -7.64
CA GLN C 317 -2.68 -5.14 -8.45
C GLN C 317 -3.48 -6.08 -7.53
N THR C 318 -3.31 -6.03 -6.23
CA THR C 318 -3.95 -7.00 -5.31
C THR C 318 -5.07 -6.36 -4.45
N GLY C 319 -5.21 -5.02 -4.41
CA GLY C 319 -6.19 -4.33 -3.56
C GLY C 319 -5.56 -3.77 -2.29
N ARG C 320 -4.28 -4.01 -2.06
CA ARG C 320 -3.53 -3.34 -0.99
C ARG C 320 -3.45 -1.83 -1.27
N LEU C 321 -3.30 -1.09 -0.19
CA LEU C 321 -2.81 0.31 -0.23
C LEU C 321 -1.31 0.31 -0.55
N SER C 322 -0.82 1.42 -1.07
CA SER C 322 0.59 1.85 -0.95
C SER C 322 0.60 3.20 -0.24
N SER C 323 1.78 3.65 0.15
CA SER C 323 2.02 4.80 1.04
C SER C 323 3.25 5.52 0.47
N THR C 324 3.17 6.83 0.28
CA THR C 324 4.27 7.65 -0.29
C THR C 324 4.49 8.91 0.54
N GLU C 325 5.74 9.39 0.54
CA GLU C 325 6.11 10.80 0.78
C GLU C 325 5.61 11.23 2.16
N PRO C 326 5.98 10.54 3.24
CA PRO C 326 6.83 9.34 3.20
C PRO C 326 6.07 8.02 3.16
N ASN C 327 6.75 6.95 2.72
CA ASN C 327 6.25 5.58 2.89
C ASN C 327 6.32 5.22 4.39
N LEU C 328 5.17 5.13 5.07
CA LEU C 328 5.13 4.73 6.50
C LEU C 328 4.79 3.24 6.62
N GLN C 329 4.77 2.51 5.50
CA GLN C 329 4.51 1.05 5.49
C GLN C 329 5.83 0.26 5.34
N ASN C 330 6.98 0.92 5.35
CA ASN C 330 8.26 0.14 5.34
C ASN C 330 9.26 0.69 6.37
N ILE C 331 8.80 1.13 7.54
CA ILE C 331 9.66 1.57 8.66
C ILE C 331 10.29 0.33 9.28
N PRO C 332 11.64 0.31 9.46
CA PRO C 332 12.35 -0.86 9.97
C PRO C 332 11.79 -1.41 11.28
N ILE C 333 11.94 -2.72 11.45
CA ILE C 333 11.46 -3.44 12.66
C ILE C 333 12.33 -4.68 12.93
N ARG C 334 12.82 -5.34 11.86
CA ARG C 334 13.48 -6.68 11.92
C ARG C 334 14.82 -6.58 12.65
N LEU C 335 15.67 -5.59 12.32
CA LEU C 335 17.00 -5.38 12.96
C LEU C 335 16.84 -4.27 13.99
N GLU C 336 17.37 -4.49 15.19
CA GLU C 336 17.12 -3.65 16.38
C GLU C 336 17.58 -2.21 16.09
N GLU C 337 18.68 -2.01 15.35
CA GLU C 337 19.24 -0.67 15.07
C GLU C 337 18.20 0.14 14.28
N GLY C 338 17.57 -0.49 13.28
CA GLY C 338 16.53 0.14 12.45
C GLY C 338 15.25 0.38 13.24
N ARG C 339 14.87 -0.59 14.08
CA ARG C 339 13.60 -0.59 14.84
C ARG C 339 13.55 0.66 15.70
N LYS C 340 14.70 1.10 16.20
CA LYS C 340 14.79 2.30 17.07
C LYS C 340 14.27 3.55 16.35
N ILE C 341 14.20 3.53 15.02
CA ILE C 341 13.57 4.65 14.24
C ILE C 341 12.15 4.86 14.75
N ARG C 342 11.49 3.81 15.20
CA ARG C 342 10.07 3.92 15.58
C ARG C 342 9.92 4.69 16.88
N GLN C 343 10.99 4.86 17.66
CA GLN C 343 11.00 5.70 18.88
C GLN C 343 10.65 7.15 18.52
N ALA C 344 10.81 7.54 17.25
CA ALA C 344 10.66 8.93 16.77
C ALA C 344 9.22 9.21 16.34
N PHE C 345 8.37 8.17 16.23
CA PHE C 345 6.92 8.31 15.92
C PHE C 345 6.15 8.32 17.24
N VAL C 346 5.52 9.44 17.56
CA VAL C 346 5.02 9.70 18.93
C VAL C 346 3.56 10.10 18.82
N PRO C 347 2.77 10.03 19.91
CA PRO C 347 1.41 10.58 19.95
C PRO C 347 1.40 12.09 19.66
N SER C 348 0.39 12.59 18.98
CA SER C 348 0.30 14.01 18.55
C SER C 348 -0.15 14.90 19.72
N GLU C 349 -0.52 14.34 20.87
CA GLU C 349 -0.99 15.14 22.02
C GLU C 349 -0.43 14.55 23.30
N SER C 350 -0.36 15.36 24.34
CA SER C 350 0.20 14.98 25.65
C SER C 350 -0.71 13.93 26.29
N ASP C 351 -0.12 12.92 26.92
CA ASP C 351 -0.88 11.87 27.65
C ASP C 351 -1.68 11.00 26.65
N TRP C 352 -1.29 10.97 25.38
CA TRP C 352 -1.81 10.00 24.40
C TRP C 352 -0.79 8.88 24.26
N LEU C 353 -1.24 7.73 23.76
CA LEU C 353 -0.36 6.57 23.51
C LEU C 353 -0.68 6.06 22.10
N ILE C 354 0.30 5.35 21.54
CA ILE C 354 0.23 4.62 20.25
C ILE C 354 -0.31 3.23 20.55
N PHE C 355 -1.36 2.86 19.82
CA PHE C 355 -2.02 1.53 19.88
C PHE C 355 -1.85 0.83 18.54
N ALA C 356 -1.19 -0.33 18.49
CA ALA C 356 -0.92 -1.15 17.30
C ALA C 356 -1.64 -2.50 17.42
N ALA C 357 -2.53 -2.82 16.48
CA ALA C 357 -3.16 -4.16 16.40
C ALA C 357 -2.85 -4.77 15.02
N ASP C 358 -2.45 -6.04 15.02
CA ASP C 358 -2.03 -6.77 13.79
C ASP C 358 -2.72 -8.13 13.78
N TYR C 359 -3.16 -8.55 12.60
CA TYR C 359 -3.67 -9.91 12.37
C TYR C 359 -2.49 -10.88 12.43
N SER C 360 -2.73 -12.00 13.11
CA SER C 360 -1.82 -13.16 13.18
C SER C 360 -2.05 -14.07 11.99
N GLN C 361 -1.05 -14.17 11.11
CA GLN C 361 -1.02 -15.09 9.96
C GLN C 361 -2.30 -14.96 9.13
N ILE C 362 -2.70 -13.74 8.77
CA ILE C 362 -3.95 -13.55 7.99
C ILE C 362 -3.84 -14.29 6.65
N GLU C 363 -2.67 -14.29 6.01
CA GLU C 363 -2.56 -14.93 4.66
C GLU C 363 -2.84 -16.43 4.81
N LEU C 364 -2.26 -17.10 5.80
CA LEU C 364 -2.43 -18.56 5.91
C LEU C 364 -3.84 -18.90 6.42
N ARG C 365 -4.45 -18.03 7.21
CA ARG C 365 -5.83 -18.26 7.69
C ARG C 365 -6.81 -18.11 6.50
N VAL C 366 -6.61 -17.07 5.70
CA VAL C 366 -7.33 -16.90 4.40
C VAL C 366 -7.10 -18.14 3.51
N LEU C 367 -5.87 -18.60 3.38
CA LEU C 367 -5.59 -19.81 2.57
C LEU C 367 -6.38 -21.02 3.10
N ALA C 368 -6.36 -21.24 4.40
CA ALA C 368 -7.12 -22.34 5.04
C ALA C 368 -8.60 -22.19 4.65
N HIS C 369 -9.11 -20.96 4.60
CA HIS C 369 -10.54 -20.74 4.33
C HIS C 369 -10.86 -21.04 2.87
N ILE C 370 -10.12 -20.47 1.91
CA ILE C 370 -10.52 -20.55 0.48
C ILE C 370 -10.28 -21.98 -0.04
N ALA C 371 -9.19 -22.64 0.38
CA ALA C 371 -8.80 -24.02 0.03
C ALA C 371 -9.69 -25.05 0.74
N GLU C 372 -10.29 -24.68 1.88
CA GLU C 372 -11.07 -25.58 2.80
C GLU C 372 -10.23 -26.82 3.06
N ASP C 373 -8.96 -26.61 3.39
CA ASP C 373 -8.04 -27.73 3.73
C ASP C 373 -8.34 -28.17 5.15
N ASP C 374 -8.85 -29.39 5.35
CA ASP C 374 -9.32 -29.87 6.67
C ASP C 374 -8.18 -29.74 7.70
N ASN C 375 -6.96 -30.10 7.31
CA ASN C 375 -5.80 -30.19 8.23
C ASN C 375 -5.33 -28.78 8.61
N LEU C 376 -5.24 -27.88 7.64
CA LEU C 376 -4.78 -26.49 7.86
C LEU C 376 -5.84 -25.76 8.67
N MET C 377 -7.13 -25.96 8.39
CA MET C 377 -8.25 -25.38 9.19
C MET C 377 -8.16 -25.89 10.63
N GLU C 378 -7.97 -27.18 10.84
CA GLU C 378 -7.83 -27.75 12.20
C GLU C 378 -6.65 -27.06 12.91
N ALA C 379 -5.52 -26.93 12.24
CA ALA C 379 -4.29 -26.31 12.82
C ALA C 379 -4.65 -24.93 13.37
N PHE C 380 -5.45 -24.15 12.64
CA PHE C 380 -5.83 -22.78 13.06
C PHE C 380 -6.95 -22.85 14.12
N ARG C 381 -7.83 -23.85 14.09
CA ARG C 381 -8.85 -23.99 15.16
C ARG C 381 -8.15 -24.35 16.47
N ARG C 382 -6.98 -24.97 16.43
CA ARG C 382 -6.18 -25.24 17.66
C ARG C 382 -5.27 -24.07 18.00
N ASP C 383 -5.30 -23.00 17.20
CA ASP C 383 -4.35 -21.87 17.27
C ASP C 383 -2.92 -22.42 17.36
N LEU C 384 -2.54 -23.42 16.57
CA LEU C 384 -1.13 -23.94 16.64
C LEU C 384 -0.18 -22.88 16.10
N ASP C 385 1.07 -22.96 16.51
CA ASP C 385 2.17 -22.24 15.81
C ASP C 385 2.29 -22.85 14.42
N ILE C 386 1.96 -22.09 13.37
CA ILE C 386 1.75 -22.71 12.05
C ILE C 386 3.08 -23.18 11.43
N HIS C 387 4.19 -22.52 11.70
CA HIS C 387 5.51 -22.88 11.14
C HIS C 387 6.04 -24.17 11.80
N THR C 388 5.88 -24.25 13.12
CA THR C 388 6.19 -25.47 13.91
C THR C 388 5.36 -26.62 13.37
N LYS C 389 4.07 -26.41 13.20
CA LYS C 389 3.18 -27.48 12.69
C LYS C 389 3.56 -27.90 11.27
N THR C 390 3.85 -26.96 10.37
CA THR C 390 4.25 -27.31 8.97
C THR C 390 5.55 -28.12 9.04
N ALA C 391 6.51 -27.73 9.91
CA ALA C 391 7.74 -28.50 10.18
C ALA C 391 7.40 -29.93 10.63
N MET C 392 6.53 -30.12 11.62
CA MET C 392 6.16 -31.47 12.10
C MET C 392 5.64 -32.30 10.93
N ASP C 393 4.76 -31.73 10.12
CA ASP C 393 4.17 -32.42 8.94
C ASP C 393 5.22 -32.70 7.86
N ILE C 394 6.00 -31.73 7.38
CA ILE C 394 6.81 -32.00 6.16
C ILE C 394 8.02 -32.85 6.54
N PHE C 395 8.55 -32.75 7.76
CA PHE C 395 9.75 -33.54 8.16
C PHE C 395 9.36 -34.79 8.96
N GLN C 396 8.07 -34.99 9.27
CA GLN C 396 7.52 -36.18 9.97
C GLN C 396 8.24 -36.33 11.31
N VAL C 397 8.09 -35.34 12.18
CA VAL C 397 8.63 -35.32 13.57
C VAL C 397 7.54 -34.80 14.51
N SER C 398 7.71 -35.07 15.80
CA SER C 398 6.88 -34.56 16.92
C SER C 398 7.32 -33.12 17.19
N GLU C 399 6.48 -32.36 17.87
CA GLU C 399 6.73 -30.94 18.22
C GLU C 399 8.10 -30.83 18.87
N ASP C 400 8.41 -31.71 19.81
CA ASP C 400 9.65 -31.70 20.64
C ASP C 400 10.88 -31.90 19.74
N GLU C 401 10.75 -32.54 18.59
CA GLU C 401 11.91 -32.84 17.69
C GLU C 401 12.07 -31.76 16.61
N VAL C 402 11.29 -30.69 16.65
CA VAL C 402 11.41 -29.60 15.64
C VAL C 402 12.54 -28.71 16.10
N THR C 403 13.61 -28.63 15.31
CA THR C 403 14.81 -27.80 15.57
C THR C 403 14.55 -26.40 15.05
N PRO C 404 15.33 -25.37 15.50
CA PRO C 404 15.18 -24.02 14.99
C PRO C 404 15.38 -23.98 13.46
N ASN C 405 16.27 -24.80 12.92
CA ASN C 405 16.49 -24.82 11.46
C ASN C 405 15.29 -25.44 10.72
N MET C 406 14.73 -26.51 11.24
CA MET C 406 13.49 -27.08 10.65
C MET C 406 12.39 -26.00 10.59
N ARG C 407 12.21 -25.23 11.66
CA ARG C 407 11.13 -24.22 11.76
C ARG C 407 11.40 -23.13 10.73
N ARG C 408 12.64 -22.72 10.58
CA ARG C 408 13.04 -21.64 9.63
C ARG C 408 12.72 -22.13 8.22
N GLN C 409 13.02 -23.39 7.95
CA GLN C 409 12.76 -23.98 6.61
C GLN C 409 11.25 -24.15 6.39
N ALA C 410 10.48 -24.59 7.38
CA ALA C 410 9.03 -24.78 7.25
C ALA C 410 8.36 -23.42 7.00
N LYS C 411 8.88 -22.37 7.66
CA LYS C 411 8.40 -20.99 7.52
C LYS C 411 8.57 -20.55 6.06
N ALA C 412 9.74 -20.79 5.46
CA ALA C 412 10.04 -20.41 4.06
C ALA C 412 9.11 -21.17 3.10
N VAL C 413 8.87 -22.45 3.35
CA VAL C 413 7.93 -23.25 2.54
C VAL C 413 6.53 -22.63 2.67
N ASN C 414 6.09 -22.26 3.86
CA ASN C 414 4.76 -21.61 4.02
C ASN C 414 4.69 -20.40 3.10
N PHE C 415 5.72 -19.55 3.07
CA PHE C 415 5.78 -18.36 2.18
C PHE C 415 5.75 -18.82 0.72
N GLY C 416 6.53 -19.86 0.39
CA GLY C 416 6.63 -20.41 -0.97
C GLY C 416 5.29 -20.89 -1.50
N ILE C 417 4.47 -21.52 -0.65
CA ILE C 417 3.07 -21.92 -0.97
C ILE C 417 2.23 -20.66 -1.22
N VAL C 418 2.32 -19.61 -0.38
CA VAL C 418 1.44 -18.42 -0.50
C VAL C 418 1.82 -17.63 -1.78
N TYR C 419 3.11 -17.63 -2.14
CA TYR C 419 3.67 -16.92 -3.31
C TYR C 419 3.58 -17.78 -4.58
N GLY C 420 3.14 -19.04 -4.44
CA GLY C 420 3.12 -20.10 -5.45
C GLY C 420 4.46 -20.37 -6.09
N MET C 421 5.59 -20.36 -5.35
CA MET C 421 6.89 -20.49 -6.07
C MET C 421 7.11 -21.95 -6.49
N SER C 422 7.85 -22.09 -7.60
CA SER C 422 8.40 -23.35 -8.16
C SER C 422 9.49 -23.90 -7.22
N ASP C 423 9.86 -25.18 -7.41
CA ASP C 423 11.15 -25.74 -6.93
C ASP C 423 12.27 -24.68 -7.06
N TYR C 424 12.53 -24.15 -8.26
CA TYR C 424 13.65 -23.19 -8.49
C TYR C 424 13.54 -22.04 -7.49
N GLY C 425 12.36 -21.42 -7.37
CA GLY C 425 12.17 -20.21 -6.54
C GLY C 425 12.48 -20.51 -5.08
N LEU C 426 12.03 -21.69 -4.62
CA LEU C 426 12.17 -22.15 -3.22
C LEU C 426 13.64 -22.50 -2.97
N ALA C 427 14.26 -23.19 -3.92
CA ALA C 427 15.72 -23.51 -3.94
C ALA C 427 16.53 -22.24 -3.82
N GLN C 428 16.26 -21.26 -4.68
CA GLN C 428 16.95 -19.94 -4.66
C GLN C 428 16.75 -19.31 -3.28
N ASN C 429 15.52 -19.31 -2.79
CA ASN C 429 15.15 -18.66 -1.50
C ASN C 429 15.87 -19.38 -0.34
N LEU C 430 16.00 -20.71 -0.40
CA LEU C 430 16.57 -21.50 0.73
C LEU C 430 18.07 -21.80 0.53
N ASN C 431 18.65 -21.47 -0.64
CA ASN C 431 20.02 -21.88 -1.03
C ASN C 431 20.12 -23.41 -0.87
N ILE C 432 19.23 -24.14 -1.54
CA ILE C 432 19.25 -25.64 -1.58
C ILE C 432 19.09 -26.04 -3.05
N SER C 433 18.98 -27.34 -3.36
CA SER C 433 18.75 -27.86 -4.73
C SER C 433 17.25 -27.76 -5.11
N ARG C 434 16.93 -28.01 -6.38
CA ARG C 434 15.55 -27.96 -6.93
C ARG C 434 14.83 -29.27 -6.59
N LYS C 435 15.49 -30.40 -6.79
CA LYS C 435 14.95 -31.74 -6.43
C LYS C 435 14.57 -31.73 -4.94
N GLU C 436 15.33 -31.02 -4.10
CA GLU C 436 15.09 -30.94 -2.64
C GLU C 436 13.84 -30.09 -2.39
N ALA C 437 13.87 -28.84 -2.84
CA ALA C 437 12.73 -27.89 -2.83
C ALA C 437 11.45 -28.60 -3.29
N ALA C 438 11.51 -29.46 -4.31
CA ALA C 438 10.34 -30.20 -4.84
C ALA C 438 9.85 -31.28 -3.86
N GLU C 439 10.76 -31.93 -3.12
CA GLU C 439 10.39 -32.94 -2.08
C GLU C 439 9.62 -32.23 -0.95
N PHE C 440 10.08 -31.03 -0.54
CA PHE C 440 9.45 -30.16 0.50
C PHE C 440 8.02 -29.84 0.06
N ILE C 441 7.88 -29.25 -1.13
CA ILE C 441 6.58 -28.89 -1.76
C ILE C 441 5.70 -30.14 -1.86
N GLU C 442 6.23 -31.28 -2.30
CA GLU C 442 5.39 -32.49 -2.47
C GLU C 442 4.90 -32.95 -1.11
N ARG C 443 5.77 -32.90 -0.10
CA ARG C 443 5.44 -33.33 1.29
C ARG C 443 4.40 -32.36 1.88
N TYR C 444 4.59 -31.06 1.67
CA TYR C 444 3.58 -30.03 2.05
C TYR C 444 2.21 -30.43 1.48
N PHE C 445 2.15 -30.74 0.19
CA PHE C 445 0.87 -31.03 -0.51
C PHE C 445 0.29 -32.35 0.01
N GLU C 446 1.13 -33.30 0.42
CA GLU C 446 0.65 -34.54 1.10
C GLU C 446 0.04 -34.22 2.47
N SER C 447 0.60 -33.28 3.23
CA SER C 447 0.04 -32.86 4.55
C SER C 447 -1.21 -31.98 4.34
N PHE C 448 -1.30 -31.24 3.23
CA PHE C 448 -2.36 -30.23 2.95
C PHE C 448 -2.96 -30.42 1.56
N PRO C 449 -3.68 -31.52 1.33
CA PRO C 449 -4.10 -31.87 -0.03
C PRO C 449 -5.17 -30.92 -0.56
N GLY C 450 -5.96 -30.30 0.33
CA GLY C 450 -6.94 -29.25 -0.03
C GLY C 450 -6.25 -27.99 -0.55
N VAL C 451 -5.06 -27.65 -0.05
CA VAL C 451 -4.27 -26.50 -0.58
C VAL C 451 -3.76 -26.86 -1.98
N LYS C 452 -3.36 -28.11 -2.19
CA LYS C 452 -2.88 -28.58 -3.50
C LYS C 452 -4.03 -28.47 -4.52
N ARG C 453 -5.18 -29.03 -4.21
CA ARG C 453 -6.44 -28.90 -5.01
C ARG C 453 -6.70 -27.41 -5.30
N TYR C 454 -6.71 -26.53 -4.29
CA TYR C 454 -7.01 -25.08 -4.49
C TYR C 454 -6.02 -24.52 -5.51
N MET C 455 -4.73 -24.82 -5.39
CA MET C 455 -3.69 -24.25 -6.26
C MET C 455 -3.94 -24.69 -7.70
N GLU C 456 -4.27 -25.95 -7.92
CA GLU C 456 -4.61 -26.47 -9.26
C GLU C 456 -5.92 -25.85 -9.73
N ASN C 457 -6.94 -25.79 -8.89
CA ASN C 457 -8.28 -25.30 -9.33
C ASN C 457 -8.21 -23.82 -9.71
N ILE C 458 -7.42 -23.00 -9.00
CA ILE C 458 -7.45 -21.53 -9.18
C ILE C 458 -6.67 -21.20 -10.47
N VAL C 459 -5.63 -21.96 -10.81
CA VAL C 459 -4.91 -21.79 -12.08
C VAL C 459 -5.87 -22.11 -13.23
N GLN C 460 -6.61 -23.23 -13.16
CA GLN C 460 -7.62 -23.63 -14.17
C GLN C 460 -8.78 -22.62 -14.23
N GLU C 461 -9.16 -22.03 -13.10
CA GLU C 461 -10.25 -21.03 -13.10
C GLU C 461 -9.71 -19.71 -13.71
N ALA C 462 -8.47 -19.31 -13.43
CA ALA C 462 -7.91 -18.10 -14.07
C ALA C 462 -7.89 -18.32 -15.59
N LYS C 463 -7.53 -19.51 -16.04
CA LYS C 463 -7.45 -19.83 -17.49
C LYS C 463 -8.87 -19.72 -18.09
N GLN C 464 -9.87 -20.30 -17.43
CA GLN C 464 -11.26 -20.42 -17.95
C GLN C 464 -11.96 -19.06 -17.95
N LYS C 465 -11.85 -18.31 -16.86
CA LYS C 465 -12.61 -17.05 -16.63
C LYS C 465 -11.82 -15.87 -17.20
N GLY C 466 -10.50 -15.95 -17.22
CA GLY C 466 -9.63 -14.84 -17.65
C GLY C 466 -9.14 -14.02 -16.46
N TYR C 467 -9.70 -14.25 -15.26
CA TYR C 467 -9.34 -13.48 -14.04
C TYR C 467 -9.50 -14.35 -12.78
N VAL C 468 -8.99 -13.85 -11.65
CA VAL C 468 -9.25 -14.42 -10.30
C VAL C 468 -9.89 -13.34 -9.43
N THR C 469 -10.59 -13.75 -8.40
CA THR C 469 -11.33 -12.85 -7.49
C THR C 469 -10.94 -13.09 -6.03
N THR C 470 -11.22 -12.11 -5.19
CA THR C 470 -11.05 -12.12 -3.71
C THR C 470 -12.41 -12.33 -3.07
N LEU C 471 -12.42 -12.56 -1.75
CA LEU C 471 -13.64 -12.70 -0.93
C LEU C 471 -14.67 -11.63 -1.25
N LEU C 472 -14.24 -10.39 -1.41
CA LEU C 472 -15.22 -9.29 -1.59
C LEU C 472 -15.29 -8.85 -3.08
N HIS C 473 -14.90 -9.73 -4.02
CA HIS C 473 -15.17 -9.65 -5.48
C HIS C 473 -14.24 -8.63 -6.17
N ARG C 474 -13.12 -8.28 -5.54
CA ARG C 474 -11.99 -7.69 -6.28
C ARG C 474 -11.54 -8.68 -7.35
N ARG C 475 -11.05 -8.15 -8.45
CA ARG C 475 -10.69 -8.92 -9.65
C ARG C 475 -9.24 -8.63 -10.00
N ARG C 476 -8.53 -9.62 -10.49
CA ARG C 476 -7.31 -9.35 -11.28
C ARG C 476 -7.39 -10.16 -12.56
N TYR C 477 -7.23 -9.49 -13.71
CA TYR C 477 -7.17 -10.16 -15.02
C TYR C 477 -5.75 -10.73 -15.21
N LEU C 478 -5.67 -11.97 -15.64
CA LEU C 478 -4.38 -12.65 -15.89
C LEU C 478 -4.31 -13.18 -17.32
N PRO C 479 -4.19 -12.31 -18.35
CA PRO C 479 -4.15 -12.77 -19.74
C PRO C 479 -2.91 -13.64 -20.03
N ASP C 480 -1.82 -13.51 -19.25
CA ASP C 480 -0.55 -14.24 -19.53
C ASP C 480 -0.66 -15.71 -19.11
N ILE C 481 -1.76 -16.11 -18.48
CA ILE C 481 -1.92 -17.51 -18.02
C ILE C 481 -1.98 -18.46 -19.24
N THR C 482 -2.21 -17.93 -20.45
CA THR C 482 -2.20 -18.73 -21.72
C THR C 482 -1.01 -18.36 -22.63
N SER C 483 0.04 -17.71 -22.15
CA SER C 483 1.26 -17.43 -22.95
C SER C 483 1.98 -18.74 -23.26
N ARG C 484 2.64 -18.84 -24.41
CA ARG C 484 3.46 -20.04 -24.70
C ARG C 484 4.91 -19.80 -24.24
N ASN C 485 5.26 -18.62 -23.73
CA ASN C 485 6.54 -18.41 -22.98
C ASN C 485 6.34 -18.95 -21.55
N PHE C 486 7.20 -19.88 -21.11
CA PHE C 486 7.15 -20.59 -19.81
C PHE C 486 7.24 -19.59 -18.64
N ASN C 487 8.18 -18.63 -18.69
CA ASN C 487 8.43 -17.66 -17.58
C ASN C 487 7.22 -16.73 -17.41
N VAL C 488 6.67 -16.21 -18.52
CA VAL C 488 5.49 -15.29 -18.52
C VAL C 488 4.26 -16.08 -18.02
N ARG C 489 4.06 -17.30 -18.49
CA ARG C 489 2.96 -18.19 -18.05
C ARG C 489 3.11 -18.48 -16.54
N SER C 490 4.29 -18.89 -16.09
CA SER C 490 4.55 -19.25 -14.66
C SER C 490 4.27 -18.05 -13.75
N PHE C 491 4.63 -16.84 -14.17
CA PHE C 491 4.43 -15.62 -13.35
C PHE C 491 2.90 -15.40 -13.18
N ALA C 492 2.14 -15.54 -14.26
CA ALA C 492 0.66 -15.47 -14.22
C ALA C 492 0.10 -16.57 -13.30
N GLU C 493 0.70 -17.75 -13.26
CA GLU C 493 0.16 -18.85 -12.40
C GLU C 493 0.37 -18.48 -10.93
N ARG C 494 1.49 -17.82 -10.63
CA ARG C 494 1.84 -17.47 -9.23
C ARG C 494 0.85 -16.40 -8.78
N MET C 495 0.54 -15.46 -9.66
CA MET C 495 -0.42 -14.38 -9.39
C MET C 495 -1.79 -15.00 -9.14
N ALA C 496 -2.14 -16.06 -9.89
CA ALA C 496 -3.44 -16.72 -9.74
C ALA C 496 -3.47 -17.38 -8.37
N MET C 497 -2.37 -17.94 -7.94
CA MET C 497 -2.24 -18.61 -6.63
C MET C 497 -2.22 -17.54 -5.51
N ASN C 498 -1.54 -16.42 -5.70
CA ASN C 498 -1.25 -15.46 -4.61
C ASN C 498 -2.39 -14.42 -4.48
N THR C 499 -2.94 -13.92 -5.60
CA THR C 499 -3.78 -12.71 -5.58
C THR C 499 -5.01 -12.93 -4.72
N PRO C 500 -5.75 -14.05 -4.83
CA PRO C 500 -6.87 -14.27 -3.94
C PRO C 500 -6.49 -14.26 -2.45
N ILE C 501 -5.28 -14.68 -2.10
CA ILE C 501 -4.86 -14.71 -0.67
C ILE C 501 -4.57 -13.28 -0.21
N GLN C 502 -3.61 -12.61 -0.88
CA GLN C 502 -3.14 -11.25 -0.52
C GLN C 502 -4.32 -10.27 -0.65
N GLY C 503 -5.11 -10.37 -1.73
CA GLY C 503 -6.27 -9.53 -2.02
C GLY C 503 -7.39 -9.72 -1.03
N SER C 504 -7.72 -10.98 -0.67
CA SER C 504 -8.74 -11.21 0.39
C SER C 504 -8.28 -10.61 1.72
N ALA C 505 -7.01 -10.73 2.08
CA ALA C 505 -6.42 -10.12 3.28
C ALA C 505 -6.60 -8.59 3.21
N ALA C 506 -6.43 -8.00 2.04
CA ALA C 506 -6.57 -6.54 1.87
C ALA C 506 -8.04 -6.18 2.06
N ASP C 507 -8.94 -6.99 1.52
CA ASP C 507 -10.40 -6.73 1.60
C ASP C 507 -10.78 -6.70 3.09
N ILE C 508 -10.28 -7.64 3.87
CA ILE C 508 -10.71 -7.82 5.28
C ILE C 508 -10.22 -6.63 6.10
N ILE C 509 -8.96 -6.26 5.99
CA ILE C 509 -8.45 -5.11 6.80
C ILE C 509 -9.16 -3.81 6.38
N LYS C 510 -9.52 -3.62 5.12
CA LYS C 510 -10.25 -2.40 4.70
C LYS C 510 -11.64 -2.40 5.35
N LYS C 511 -12.33 -3.54 5.36
CA LYS C 511 -13.63 -3.62 6.05
C LYS C 511 -13.47 -3.32 7.55
N ALA C 512 -12.43 -3.85 8.18
CA ALA C 512 -12.17 -3.61 9.61
C ALA C 512 -11.95 -2.11 9.81
N MET C 513 -11.24 -1.43 8.90
CA MET C 513 -11.01 0.03 9.08
C MET C 513 -12.37 0.74 9.08
N ILE C 514 -13.27 0.38 8.17
CA ILE C 514 -14.62 0.96 8.10
C ILE C 514 -15.38 0.64 9.38
N ASP C 515 -15.36 -0.61 9.83
CA ASP C 515 -16.15 -1.02 11.01
C ASP C 515 -15.57 -0.31 12.24
N LEU C 516 -14.24 -0.24 12.32
CA LEU C 516 -13.57 0.42 13.46
C LEU C 516 -13.87 1.93 13.55
N ASN C 517 -13.86 2.68 12.45
CA ASN C 517 -14.23 4.12 12.47
C ASN C 517 -15.66 4.30 12.96
N ALA C 518 -16.61 3.50 12.48
CA ALA C 518 -18.01 3.55 12.94
C ALA C 518 -18.06 3.23 14.45
N ARG C 519 -17.34 2.23 14.95
CA ARG C 519 -17.44 1.86 16.38
C ARG C 519 -16.83 2.98 17.25
N LEU C 520 -15.69 3.54 16.89
CA LEU C 520 -15.07 4.66 17.67
C LEU C 520 -16.02 5.86 17.80
N LYS C 521 -16.76 6.20 16.74
CA LYS C 521 -17.75 7.30 16.77
C LYS C 521 -18.93 6.93 17.68
N GLU C 522 -19.52 5.74 17.50
CA GLU C 522 -20.60 5.21 18.37
C GLU C 522 -20.16 5.33 19.84
N GLU C 523 -18.91 4.97 20.12
CA GLU C 523 -18.39 4.83 21.51
C GLU C 523 -17.93 6.19 22.04
N ARG C 524 -17.92 7.23 21.21
CA ARG C 524 -17.45 8.59 21.59
C ARG C 524 -15.97 8.59 21.97
N LEU C 525 -15.19 7.67 21.42
CA LEU C 525 -13.73 7.63 21.74
C LEU C 525 -13.07 8.73 20.92
N GLN C 526 -12.03 9.39 21.45
CA GLN C 526 -11.15 10.31 20.68
C GLN C 526 -10.11 9.52 19.87
N ALA C 527 -9.90 8.24 20.17
CA ALA C 527 -8.94 7.40 19.44
C ALA C 527 -9.20 7.55 17.96
N HIS C 528 -8.15 7.57 17.15
CA HIS C 528 -8.28 7.60 15.67
C HIS C 528 -7.14 6.83 15.02
N LEU C 529 -7.44 6.36 13.83
CA LEU C 529 -6.49 5.69 12.93
C LEU C 529 -5.43 6.69 12.48
N LEU C 530 -4.17 6.27 12.52
CA LEU C 530 -3.02 6.96 11.91
C LEU C 530 -2.54 6.21 10.66
N LEU C 531 -2.33 4.90 10.78
CA LEU C 531 -1.71 4.11 9.70
C LEU C 531 -2.40 2.77 9.55
N GLN C 532 -2.27 2.22 8.35
CA GLN C 532 -2.50 0.79 8.02
C GLN C 532 -1.18 0.30 7.42
N VAL C 533 -0.71 -0.87 7.84
CA VAL C 533 0.48 -1.53 7.21
C VAL C 533 0.09 -2.95 6.82
N HIS C 534 -0.87 -3.10 5.91
CA HIS C 534 -1.22 -4.36 5.18
C HIS C 534 -2.05 -5.33 6.05
N ASP C 535 -1.50 -5.72 7.21
CA ASP C 535 -2.21 -6.61 8.17
C ASP C 535 -2.20 -5.98 9.56
N GLU C 536 -2.05 -4.68 9.64
CA GLU C 536 -1.83 -3.99 10.93
C GLU C 536 -2.45 -2.58 10.87
N LEU C 537 -3.12 -2.21 11.97
CA LEU C 537 -3.70 -0.87 12.17
C LEU C 537 -2.98 -0.21 13.35
N ILE C 538 -2.59 1.05 13.15
CA ILE C 538 -1.94 1.89 14.18
C ILE C 538 -2.83 3.09 14.42
N LEU C 539 -3.14 3.31 15.69
CA LEU C 539 -4.01 4.40 16.21
C LEU C 539 -3.21 5.19 17.25
N GLU C 540 -3.74 6.34 17.62
CA GLU C 540 -3.38 7.04 18.86
C GLU C 540 -4.67 7.43 19.58
N ALA C 541 -4.60 7.46 20.90
CA ALA C 541 -5.73 7.69 21.80
C ALA C 541 -5.19 8.24 23.12
N PRO C 542 -6.01 8.98 23.85
CA PRO C 542 -5.71 9.31 25.24
C PRO C 542 -5.40 8.02 25.99
N LYS C 543 -4.48 8.09 26.96
CA LYS C 543 -4.10 6.92 27.79
C LYS C 543 -5.33 6.32 28.48
N GLU C 544 -6.35 7.13 28.79
CA GLU C 544 -7.60 6.72 29.46
C GLU C 544 -8.40 5.77 28.57
N GLU C 545 -8.06 5.63 27.28
CA GLU C 545 -8.86 4.83 26.33
C GLU C 545 -8.24 3.45 26.13
N MET C 546 -7.00 3.26 26.54
CA MET C 546 -6.25 2.02 26.22
C MET C 546 -7.11 0.82 26.64
N GLU C 547 -7.66 0.82 27.84
CA GLU C 547 -8.34 -0.39 28.38
C GLU C 547 -9.51 -0.74 27.46
N ARG C 548 -10.27 0.25 27.01
CA ARG C 548 -11.38 0.03 26.05
C ARG C 548 -10.85 -0.42 24.69
N LEU C 549 -9.75 0.14 24.20
CA LEU C 549 -9.23 -0.24 22.84
C LEU C 549 -8.73 -1.68 22.86
N CYS C 550 -8.16 -2.15 23.97
CA CYS C 550 -7.68 -3.54 24.15
C CYS C 550 -8.79 -4.57 23.86
N ARG C 551 -10.04 -4.23 24.10
CA ARG C 551 -11.20 -5.11 23.84
C ARG C 551 -11.83 -4.74 22.51
N LEU C 552 -12.00 -3.45 22.23
CA LEU C 552 -12.73 -3.03 21.02
C LEU C 552 -11.93 -3.28 19.73
N VAL C 553 -10.68 -2.84 19.65
CA VAL C 553 -9.96 -2.91 18.35
C VAL C 553 -9.84 -4.37 17.89
N PRO C 554 -9.32 -5.33 18.67
CA PRO C 554 -9.23 -6.73 18.23
C PRO C 554 -10.58 -7.33 17.85
N GLU C 555 -11.61 -7.05 18.65
CA GLU C 555 -12.99 -7.53 18.44
C GLU C 555 -13.46 -7.09 17.04
N VAL C 556 -13.38 -5.79 16.73
CA VAL C 556 -13.85 -5.27 15.42
C VAL C 556 -13.01 -5.91 14.31
N MET C 557 -11.71 -6.04 14.52
CA MET C 557 -10.84 -6.57 13.45
C MET C 557 -11.12 -8.07 13.25
N GLU C 558 -11.40 -8.79 14.33
CA GLU C 558 -11.64 -10.25 14.29
C GLU C 558 -13.00 -10.52 13.61
N GLN C 559 -13.98 -9.63 13.74
CA GLN C 559 -15.40 -9.90 13.36
C GLN C 559 -15.71 -9.22 12.02
N ALA C 560 -14.76 -8.49 11.42
CA ALA C 560 -14.87 -7.83 10.11
C ALA C 560 -15.44 -8.80 9.05
N VAL C 561 -14.95 -10.03 8.96
CA VAL C 561 -15.62 -11.10 8.16
C VAL C 561 -15.61 -12.37 9.01
N THR C 562 -16.46 -13.31 8.65
CA THR C 562 -16.56 -14.65 9.27
C THR C 562 -15.95 -15.65 8.28
N LEU C 563 -14.83 -16.28 8.61
CA LEU C 563 -14.19 -17.33 7.78
C LEU C 563 -14.44 -18.68 8.44
N ARG C 564 -13.95 -19.77 7.84
CA ARG C 564 -14.07 -21.15 8.41
C ARG C 564 -13.05 -21.32 9.54
N VAL C 565 -12.11 -20.38 9.66
CA VAL C 565 -11.16 -20.35 10.79
C VAL C 565 -11.36 -19.06 11.56
N PRO C 566 -10.99 -19.00 12.85
CA PRO C 566 -10.97 -17.73 13.55
C PRO C 566 -9.92 -16.80 12.91
N LEU C 567 -10.18 -15.52 13.04
CA LEU C 567 -9.16 -14.46 12.83
C LEU C 567 -8.61 -14.06 14.20
N LYS C 568 -7.32 -13.88 14.32
CA LYS C 568 -6.64 -13.62 15.60
C LYS C 568 -5.89 -12.31 15.42
N VAL C 569 -6.11 -11.39 16.35
CA VAL C 569 -5.44 -10.06 16.35
C VAL C 569 -4.64 -9.93 17.64
N ASP C 570 -3.36 -9.59 17.52
CA ASP C 570 -2.50 -9.20 18.67
C ASP C 570 -2.46 -7.68 18.70
N TYR C 571 -2.15 -7.10 19.86
CA TYR C 571 -2.24 -5.65 20.11
C TYR C 571 -1.29 -5.31 21.25
N HIS C 572 -0.70 -4.12 21.13
CA HIS C 572 0.26 -3.53 22.08
C HIS C 572 0.11 -2.01 21.99
N TYR C 573 0.53 -1.32 23.03
CA TYR C 573 0.45 0.15 23.13
C TYR C 573 1.67 0.62 23.91
N GLY C 574 2.03 1.88 23.73
CA GLY C 574 3.17 2.50 24.42
C GLY C 574 3.32 3.93 24.03
N SER C 575 4.39 4.54 24.51
CA SER C 575 4.70 5.99 24.40
C SER C 575 5.08 6.37 22.98
N THR C 576 5.59 5.42 22.20
CA THR C 576 6.08 5.59 20.82
C THR C 576 5.64 4.34 20.05
N TRP C 577 5.70 4.42 18.73
CA TRP C 577 5.40 3.25 17.87
C TRP C 577 6.32 2.10 18.26
N TYR C 578 7.59 2.41 18.53
CA TYR C 578 8.61 1.44 19.00
C TYR C 578 8.05 0.65 20.20
N ASP C 579 7.46 1.32 21.17
CA ASP C 579 7.10 0.71 22.47
C ASP C 579 5.78 -0.04 22.32
N ALA C 580 5.07 0.20 21.21
CA ALA C 580 3.76 -0.47 20.91
C ALA C 580 4.08 -1.86 20.37
N LYS C 581 4.77 -2.64 21.20
CA LYS C 581 5.33 -3.99 20.90
C LYS C 581 5.20 -4.86 22.14
#